data_6DN8
#
_entry.id   6DN8
#
_cell.length_a   49.020
_cell.length_b   109.370
_cell.length_c   118.100
_cell.angle_alpha   90.00
_cell.angle_beta   90.00
_cell.angle_gamma   90.00
#
_symmetry.space_group_name_H-M   'P 2 21 21'
#
loop_
_entity.id
_entity.type
_entity.pdbx_description
1 polymer 'SPRY domain-containing SOCS box protein 4'
2 polymer '(GZJ)VDINNN(CY3) Cyclic peptide inhibitor'
3 non-polymer 'ACETATE ION'
4 non-polymer 'SULFATE ION'
5 water water
#
loop_
_entity_poly.entity_id
_entity_poly.type
_entity_poly.pdbx_seq_one_letter_code
_entity_poly.pdbx_strand_id
1 'polypeptide(L)'
;MHHHHHHSSGVDLGTENLYFQSMGAEPGRPARLDQLLDMPAAGLAVQLRHAWNPEDRSLNVFVKDDDRLTFHRHPVAQST
DGIRGKVGHARGLHAWQINWPARQRGTHAVVGVATARAPLHSVGYTALVGSDAESWGWDLGRSRLYHDGKNQPGVAYPAF
LGPDEAFALPDSLLVVLDMDEGTLSFIVDGQYLGVAFRGLKGKKLYPVVSAVWGHCEVTMRYINGLDPE
;
A,C,E
2 'polypeptide(L)' (GZJ)VDINNN(CY3) B,D,F
#
# COMPACT_ATOMS: atom_id res chain seq x y z
N ARG A 29 -10.75 39.01 18.28
CA ARG A 29 -11.44 37.80 18.73
C ARG A 29 -12.95 37.96 18.50
N PRO A 30 -13.61 37.03 17.76
CA PRO A 30 -15.07 37.16 17.55
C PRO A 30 -15.86 36.97 18.84
N ALA A 31 -16.98 37.73 18.98
CA ALA A 31 -17.87 37.67 20.16
C ALA A 31 -18.59 36.31 20.25
N ARG A 32 -18.90 35.73 19.07
CA ARG A 32 -19.55 34.42 18.93
C ARG A 32 -18.71 33.30 19.53
N LEU A 33 -17.36 33.43 19.49
CA LEU A 33 -16.44 32.45 20.05
C LEU A 33 -16.69 32.28 21.56
N ASP A 34 -16.79 33.39 22.31
CA ASP A 34 -17.05 33.29 23.74
C ASP A 34 -18.45 32.77 24.03
N GLN A 35 -19.46 33.18 23.24
CA GLN A 35 -20.83 32.72 23.39
C GLN A 35 -20.88 31.17 23.31
N LEU A 36 -20.18 30.59 22.34
CA LEU A 36 -20.13 29.14 22.18
C LEU A 36 -19.43 28.49 23.37
N LEU A 37 -18.23 28.99 23.74
CA LEU A 37 -17.38 28.45 24.81
C LEU A 37 -17.97 28.55 26.18
N ASP A 38 -18.74 29.62 26.47
CA ASP A 38 -19.28 29.84 27.81
C ASP A 38 -20.62 29.15 28.08
N MET A 39 -21.17 28.45 27.08
CA MET A 39 -22.34 27.60 27.29
C MET A 39 -21.78 26.32 27.99
N PRO A 40 -22.55 25.57 28.81
CA PRO A 40 -22.06 24.27 29.26
C PRO A 40 -21.75 23.38 28.04
N ALA A 41 -20.61 22.69 28.05
CA ALA A 41 -20.16 21.82 26.97
C ALA A 41 -21.16 20.71 26.72
N ALA A 42 -21.25 20.26 25.47
CA ALA A 42 -22.12 19.19 25.02
C ALA A 42 -21.99 17.93 25.86
N GLY A 43 -23.12 17.26 26.04
CA GLY A 43 -23.24 16.02 26.79
C GLY A 43 -22.70 14.83 26.04
N LEU A 44 -22.62 13.70 26.74
CA LEU A 44 -22.04 12.46 26.20
C LEU A 44 -22.59 12.03 24.85
N ALA A 45 -23.93 12.01 24.66
CA ALA A 45 -24.54 11.62 23.38
C ALA A 45 -23.99 12.46 22.21
N VAL A 46 -23.97 13.80 22.35
CA VAL A 46 -23.47 14.74 21.33
C VAL A 46 -21.96 14.51 21.09
N GLN A 47 -21.18 14.35 22.17
CA GLN A 47 -19.74 14.07 22.12
C GLN A 47 -19.49 12.80 21.27
N LEU A 48 -20.28 11.75 21.50
CA LEU A 48 -20.24 10.48 20.82
C LEU A 48 -20.63 10.60 19.34
N ARG A 49 -21.69 11.41 19.03
CA ARG A 49 -22.10 11.66 17.67
C ARG A 49 -21.04 12.40 16.85
N HIS A 50 -20.23 13.23 17.52
CA HIS A 50 -19.18 13.98 16.82
C HIS A 50 -17.78 13.37 17.02
N ALA A 51 -17.70 12.17 17.62
CA ALA A 51 -16.41 11.54 17.92
C ALA A 51 -15.75 10.93 16.68
N TRP A 52 -14.49 10.44 16.81
CA TRP A 52 -13.77 9.78 15.71
C TRP A 52 -14.65 8.74 15.08
N ASN A 53 -14.59 8.65 13.76
CA ASN A 53 -15.39 7.69 13.04
C ASN A 53 -14.64 6.35 12.85
N PRO A 54 -15.14 5.23 13.46
CA PRO A 54 -14.53 3.92 13.21
C PRO A 54 -14.63 3.46 11.73
N GLU A 55 -15.48 4.13 10.90
CA GLU A 55 -15.60 3.78 9.49
C GLU A 55 -14.71 4.65 8.59
N ASP A 56 -14.11 5.70 9.17
CA ASP A 56 -13.34 6.65 8.38
C ASP A 56 -11.99 6.89 8.97
N ARG A 57 -11.14 5.90 8.78
CA ARG A 57 -9.84 5.93 9.42
C ARG A 57 -8.78 5.18 8.66
N SER A 58 -7.53 5.44 9.01
CA SER A 58 -6.44 4.63 8.50
C SER A 58 -6.70 3.26 9.19
N LEU A 59 -6.35 2.14 8.54
CA LEU A 59 -6.51 0.84 9.17
C LEU A 59 -5.55 0.61 10.35
N ASN A 60 -4.55 1.50 10.51
CA ASN A 60 -3.56 1.42 11.57
C ASN A 60 -4.01 2.08 12.87
N VAL A 61 -5.17 2.78 12.85
CA VAL A 61 -5.70 3.37 14.08
C VAL A 61 -7.02 2.67 14.41
N PHE A 62 -7.42 2.71 15.69
CA PHE A 62 -8.69 2.14 16.12
C PHE A 62 -9.26 2.93 17.22
N VAL A 63 -10.59 2.99 17.27
CA VAL A 63 -11.27 3.72 18.36
C VAL A 63 -11.27 2.73 19.55
N LYS A 64 -10.81 3.21 20.69
CA LYS A 64 -10.68 2.39 21.91
C LYS A 64 -12.01 1.84 22.42
N ASP A 65 -12.02 0.57 22.83
CA ASP A 65 -13.23 -0.09 23.34
C ASP A 65 -13.73 0.55 24.61
N ASP A 66 -12.79 0.94 25.48
CA ASP A 66 -13.07 1.56 26.78
C ASP A 66 -13.25 3.07 26.72
N ASP A 67 -13.04 3.69 25.55
CA ASP A 67 -13.19 5.14 25.40
C ASP A 67 -13.41 5.50 23.95
N ARG A 68 -14.68 5.65 23.57
CA ARG A 68 -15.10 5.94 22.20
C ARG A 68 -14.68 7.33 21.68
N LEU A 69 -14.10 8.20 22.51
CA LEU A 69 -13.65 9.51 22.06
C LEU A 69 -12.16 9.51 21.68
N THR A 70 -11.48 8.37 21.89
CA THR A 70 -10.04 8.29 21.70
C THR A 70 -9.66 7.20 20.75
N PHE A 71 -8.65 7.47 19.91
CA PHE A 71 -8.11 6.44 19.05
C PHE A 71 -6.73 6.06 19.53
N HIS A 72 -6.25 4.88 19.07
CA HIS A 72 -4.93 4.38 19.40
C HIS A 72 -4.26 4.02 18.09
N ARG A 73 -3.01 4.49 17.90
CA ARG A 73 -2.30 4.18 16.66
C ARG A 73 -1.39 3.00 16.86
N HIS A 74 -1.54 1.97 16.02
CA HIS A 74 -0.65 0.81 16.09
C HIS A 74 0.76 1.24 15.74
N PRO A 75 1.80 0.62 16.34
CA PRO A 75 3.18 0.99 16.02
C PRO A 75 3.69 0.41 14.68
N VAL A 76 3.31 1.08 13.59
CA VAL A 76 3.70 0.75 12.21
C VAL A 76 4.82 1.68 11.79
N ALA A 77 5.98 1.11 11.34
CA ALA A 77 7.12 1.94 10.90
C ALA A 77 6.80 2.60 9.56
N GLN A 78 7.36 3.81 9.33
CA GLN A 78 7.24 4.52 8.05
C GLN A 78 5.80 4.63 7.53
N SER A 79 4.89 4.99 8.44
CA SER A 79 3.46 5.12 8.19
C SER A 79 2.91 6.37 8.90
N THR A 80 2.10 7.15 8.18
CA THR A 80 1.42 8.34 8.74
C THR A 80 -0.06 7.98 8.64
N ASP A 81 -0.80 8.18 9.74
CA ASP A 81 -2.17 7.71 9.86
C ASP A 81 -3.13 8.73 10.40
N GLY A 82 -4.30 8.81 9.76
CA GLY A 82 -5.35 9.75 10.08
C GLY A 82 -6.70 9.11 10.30
N ILE A 83 -7.61 9.91 10.81
CA ILE A 83 -8.99 9.54 11.12
C ILE A 83 -9.81 10.83 11.14
N ARG A 84 -11.02 10.76 10.60
CA ARG A 84 -11.87 11.94 10.63
C ARG A 84 -12.94 11.72 11.69
N GLY A 85 -13.55 12.80 12.14
CA GLY A 85 -14.69 12.74 13.03
C GLY A 85 -15.90 12.25 12.26
N LYS A 86 -16.98 11.88 12.96
CA LYS A 86 -18.19 11.41 12.27
C LYS A 86 -18.96 12.51 11.54
N VAL A 87 -18.89 13.73 12.02
CA VAL A 87 -19.68 14.83 11.48
C VAL A 87 -18.88 15.78 10.60
N GLY A 88 -19.40 15.99 9.37
CA GLY A 88 -18.89 16.97 8.43
C GLY A 88 -19.68 18.25 8.56
N HIS A 89 -19.01 19.34 8.94
CA HIS A 89 -19.64 20.66 9.13
C HIS A 89 -19.71 21.49 7.87
N ALA A 90 -20.90 22.00 7.60
CA ALA A 90 -21.21 22.79 6.40
C ALA A 90 -21.52 24.25 6.70
N ARG A 91 -22.13 24.48 7.86
CA ARG A 91 -22.53 25.80 8.32
C ARG A 91 -22.36 25.87 9.82
N GLY A 92 -22.30 27.09 10.35
CA GLY A 92 -22.21 27.41 11.76
C GLY A 92 -20.80 27.48 12.31
N LEU A 93 -20.68 27.68 13.62
CA LEU A 93 -19.44 27.76 14.38
C LEU A 93 -19.33 26.54 15.25
N HIS A 94 -18.15 25.91 15.27
CA HIS A 94 -17.99 24.67 16.01
C HIS A 94 -16.68 24.57 16.72
N ALA A 95 -16.68 23.95 17.89
CA ALA A 95 -15.41 23.78 18.55
C ALA A 95 -15.31 22.43 19.15
N TRP A 96 -14.09 21.90 19.18
CA TRP A 96 -13.81 20.60 19.83
C TRP A 96 -12.48 20.63 20.50
N GLN A 97 -12.30 19.79 21.51
CA GLN A 97 -11.04 19.75 22.23
C GLN A 97 -10.24 18.55 21.76
N ILE A 98 -8.95 18.76 21.50
CA ILE A 98 -8.04 17.64 21.16
C ILE A 98 -7.13 17.44 22.40
N ASN A 99 -7.08 16.22 22.93
CA ASN A 99 -6.16 15.89 24.01
C ASN A 99 -5.12 14.95 23.40
N TRP A 100 -3.86 15.43 23.26
CA TRP A 100 -2.83 14.65 22.61
C TRP A 100 -1.57 14.74 23.47
N PRO A 101 -1.33 13.76 24.36
CA PRO A 101 -0.14 13.84 25.22
C PRO A 101 1.13 14.19 24.43
N ALA A 102 1.85 15.27 24.86
CA ALA A 102 3.05 15.82 24.20
C ALA A 102 4.09 14.75 23.90
N ARG A 103 4.29 13.78 24.84
CA ARG A 103 5.24 12.68 24.68
C ARG A 103 4.83 11.64 23.61
N GLN A 104 3.60 11.73 23.09
CA GLN A 104 3.04 10.80 22.12
C GLN A 104 2.83 11.46 20.76
N ARG A 105 3.58 12.54 20.49
CA ARG A 105 3.42 13.27 19.25
C ARG A 105 4.40 12.93 18.15
N GLY A 106 5.62 12.59 18.52
CA GLY A 106 6.63 12.26 17.53
C GLY A 106 6.95 13.42 16.61
N THR A 107 7.38 13.11 15.40
CA THR A 107 7.82 14.12 14.44
C THR A 107 6.72 14.89 13.76
N HIS A 108 5.50 14.32 13.64
CA HIS A 108 4.39 14.99 12.97
C HIS A 108 3.08 14.63 13.63
N ALA A 109 2.59 15.57 14.41
CA ALA A 109 1.32 15.52 15.12
C ALA A 109 0.56 16.69 14.55
N VAL A 110 -0.38 16.43 13.63
CA VAL A 110 -1.11 17.48 12.94
C VAL A 110 -2.58 17.44 13.27
N VAL A 111 -3.11 18.58 13.64
CA VAL A 111 -4.50 18.77 14.02
C VAL A 111 -5.19 19.75 13.09
N GLY A 112 -6.38 19.42 12.63
CA GLY A 112 -7.08 20.34 11.76
C GLY A 112 -8.41 19.84 11.25
N VAL A 113 -8.68 20.17 10.00
CA VAL A 113 -9.92 19.79 9.31
C VAL A 113 -9.67 19.27 7.93
N ALA A 114 -10.62 18.47 7.40
CA ALA A 114 -10.45 17.93 6.08
C ALA A 114 -11.76 17.72 5.39
N THR A 115 -11.74 17.70 4.07
CA THR A 115 -12.91 17.30 3.28
C THR A 115 -12.91 15.76 3.37
N ALA A 116 -13.95 15.12 2.82
CA ALA A 116 -14.07 13.66 2.73
C ALA A 116 -13.05 13.06 1.73
N ARG A 117 -12.36 13.89 0.94
CA ARG A 117 -11.40 13.46 -0.07
C ARG A 117 -9.96 13.38 0.43
N ALA A 118 -9.69 13.94 1.60
CA ALA A 118 -8.35 13.94 2.16
C ALA A 118 -7.86 12.53 2.45
N PRO A 119 -6.66 12.15 1.95
CA PRO A 119 -6.16 10.81 2.24
C PRO A 119 -5.88 10.66 3.73
N LEU A 120 -6.27 9.49 4.30
CA LEU A 120 -6.09 9.21 5.73
C LEU A 120 -4.88 8.35 6.02
N HIS A 121 -4.04 8.09 4.99
CA HIS A 121 -2.81 7.32 5.18
C HIS A 121 -1.74 7.72 4.17
N SER A 122 -0.47 7.73 4.61
CA SER A 122 0.69 7.91 3.76
C SER A 122 1.81 7.01 4.26
N VAL A 123 2.74 6.71 3.39
CA VAL A 123 3.92 5.95 3.77
C VAL A 123 4.91 7.03 4.19
N GLY A 124 5.91 6.67 4.96
CA GLY A 124 6.86 7.61 5.52
C GLY A 124 6.20 8.40 6.66
N TYR A 125 6.92 9.39 7.20
CA TYR A 125 6.43 10.23 8.29
C TYR A 125 6.25 11.60 7.72
N THR A 126 4.98 11.99 7.54
CA THR A 126 4.62 13.25 6.91
C THR A 126 3.58 14.04 7.72
N ALA A 127 3.42 15.32 7.36
CA ALA A 127 2.36 16.17 7.88
C ALA A 127 1.21 15.87 6.89
N LEU A 128 0.63 14.66 7.06
CA LEU A 128 -0.43 14.20 6.15
C LEU A 128 -1.63 15.15 6.11
N VAL A 129 -2.12 15.59 7.26
CA VAL A 129 -3.20 16.60 7.25
C VAL A 129 -2.52 17.87 6.79
N GLY A 130 -3.06 18.48 5.75
CA GLY A 130 -2.48 19.71 5.19
C GLY A 130 -1.53 19.48 4.03
N SER A 131 -1.35 18.20 3.62
CA SER A 131 -0.43 17.81 2.52
C SER A 131 -0.94 18.19 1.14
N ASP A 132 -2.27 18.27 0.96
CA ASP A 132 -2.80 18.67 -0.34
C ASP A 132 -3.94 19.68 -0.15
N ALA A 133 -4.75 19.93 -1.20
CA ALA A 133 -5.84 20.92 -1.12
C ALA A 133 -7.06 20.45 -0.28
N GLU A 134 -7.09 19.20 0.16
CA GLU A 134 -8.25 18.64 0.84
C GLU A 134 -8.22 18.74 2.36
N SER A 135 -7.15 19.29 2.95
CA SER A 135 -7.09 19.41 4.38
C SER A 135 -6.22 20.58 4.81
N TRP A 136 -6.42 21.04 6.02
CA TRP A 136 -5.77 22.19 6.65
C TRP A 136 -5.34 21.75 8.06
N GLY A 137 -4.07 21.88 8.41
CA GLY A 137 -3.64 21.41 9.72
C GLY A 137 -2.51 22.17 10.36
N TRP A 138 -2.45 22.09 11.67
CA TRP A 138 -1.45 22.73 12.48
C TRP A 138 -0.55 21.61 12.95
N ASP A 139 0.71 21.61 12.52
N ASP A 139 0.71 21.64 12.54
CA ASP A 139 1.68 20.62 12.96
CA ASP A 139 1.72 20.69 12.98
C ASP A 139 2.23 21.08 14.31
C ASP A 139 2.13 21.18 14.37
N LEU A 140 1.76 20.42 15.40
CA LEU A 140 2.00 20.78 16.81
C LEU A 140 3.46 20.98 17.23
N GLY A 141 4.35 20.09 16.82
CA GLY A 141 5.75 20.22 17.21
C GLY A 141 6.54 21.31 16.52
N ARG A 142 6.24 21.54 15.23
CA ARG A 142 6.90 22.52 14.36
C ARG A 142 6.30 23.89 14.52
N SER A 143 5.07 23.94 15.09
CA SER A 143 4.24 25.13 15.23
C SER A 143 4.11 25.75 13.82
N ARG A 144 3.69 24.90 12.85
CA ARG A 144 3.53 25.28 11.43
C ARG A 144 2.20 24.86 10.87
N LEU A 145 1.61 25.72 10.08
CA LEU A 145 0.34 25.47 9.41
C LEU A 145 0.62 24.92 8.03
N TYR A 146 -0.09 23.84 7.63
CA TYR A 146 0.04 23.25 6.30
C TYR A 146 -1.31 23.20 5.62
N HIS A 147 -1.31 23.48 4.33
CA HIS A 147 -2.43 23.38 3.42
C HIS A 147 -1.80 23.30 2.06
N ASP A 148 -2.11 22.29 1.27
CA ASP A 148 -1.43 22.04 -0.02
C ASP A 148 0.11 21.96 0.29
N GLY A 149 0.45 21.36 1.43
CA GLY A 149 1.82 21.22 1.96
C GLY A 149 2.85 20.59 1.03
N LYS A 150 2.39 19.83 0.02
CA LYS A 150 3.27 19.20 -0.99
C LYS A 150 3.82 20.28 -1.89
N ASN A 151 3.07 21.37 -2.11
CA ASN A 151 3.47 22.46 -3.01
C ASN A 151 3.68 23.82 -2.31
N GLN A 152 3.14 23.96 -1.11
CA GLN A 152 3.22 25.20 -0.38
C GLN A 152 4.00 25.06 0.92
N PRO A 153 4.92 26.02 1.23
CA PRO A 153 5.68 25.93 2.50
C PRO A 153 4.79 26.13 3.72
N GLY A 154 5.20 25.55 4.85
CA GLY A 154 4.47 25.70 6.11
C GLY A 154 4.47 27.13 6.61
N VAL A 155 3.43 27.53 7.37
CA VAL A 155 3.33 28.91 7.89
C VAL A 155 3.46 28.93 9.41
N ALA A 156 4.34 29.81 9.97
CA ALA A 156 4.49 29.85 11.42
C ALA A 156 3.18 30.22 12.10
N TYR A 157 2.83 29.49 13.16
CA TYR A 157 1.61 29.72 13.91
C TYR A 157 1.83 29.28 15.36
N PRO A 158 1.55 30.15 16.38
CA PRO A 158 0.95 31.51 16.31
C PRO A 158 1.81 32.57 15.61
N ALA A 159 1.13 33.61 15.11
CA ALA A 159 1.72 34.74 14.38
C ALA A 159 2.54 35.68 15.26
N PHE A 160 2.28 35.72 16.58
CA PHE A 160 3.01 36.55 17.53
C PHE A 160 4.39 35.95 17.85
N LEU A 161 4.55 34.62 17.69
CA LEU A 161 5.80 33.90 17.95
C LEU A 161 6.61 33.68 16.67
N PHE A 167 7.26 28.41 21.64
CA PHE A 167 5.87 28.08 21.95
C PHE A 167 5.66 26.55 22.13
N ALA A 168 5.88 26.06 23.38
CA ALA A 168 5.71 24.65 23.75
C ALA A 168 4.22 24.40 24.00
N LEU A 169 3.62 23.47 23.22
CA LEU A 169 2.20 23.16 23.28
C LEU A 169 1.81 22.21 24.42
N PRO A 170 0.77 22.55 25.23
CA PRO A 170 0.35 21.64 26.32
C PRO A 170 -0.39 20.44 25.73
N ASP A 171 -0.89 19.53 26.58
CA ASP A 171 -1.56 18.33 26.06
C ASP A 171 -2.88 18.58 25.35
N SER A 172 -3.66 19.59 25.79
CA SER A 172 -4.95 19.82 25.15
C SER A 172 -5.03 21.17 24.45
N LEU A 173 -5.85 21.25 23.42
CA LEU A 173 -6.08 22.49 22.70
C LEU A 173 -7.49 22.44 22.16
N LEU A 174 -8.06 23.62 21.84
CA LEU A 174 -9.39 23.71 21.21
C LEU A 174 -9.21 24.06 19.79
N VAL A 175 -10.08 23.50 18.98
CA VAL A 175 -10.11 23.70 17.52
C VAL A 175 -11.44 24.37 17.23
N VAL A 176 -11.39 25.55 16.59
CA VAL A 176 -12.56 26.37 16.32
C VAL A 176 -12.75 26.49 14.83
N LEU A 177 -13.82 25.87 14.32
CA LEU A 177 -14.17 25.87 12.90
C LEU A 177 -15.38 26.79 12.65
N ASP A 178 -15.17 27.89 11.94
CA ASP A 178 -16.25 28.83 11.65
C ASP A 178 -16.58 28.62 10.22
N MET A 179 -17.64 27.85 9.96
CA MET A 179 -18.03 27.55 8.61
C MET A 179 -18.78 28.71 7.94
N ASP A 180 -19.10 29.76 8.69
CA ASP A 180 -19.81 30.92 8.13
C ASP A 180 -18.84 31.99 7.64
N GLU A 181 -17.76 32.20 8.40
CA GLU A 181 -16.65 33.07 8.03
C GLU A 181 -15.65 32.28 7.18
N GLY A 182 -15.69 30.95 7.28
CA GLY A 182 -14.82 30.03 6.56
C GLY A 182 -13.42 30.07 7.14
N THR A 183 -13.34 30.00 8.47
CA THR A 183 -12.07 30.07 9.18
C THR A 183 -11.79 28.89 10.11
N LEU A 184 -10.52 28.64 10.33
CA LEU A 184 -10.07 27.68 11.34
C LEU A 184 -9.20 28.44 12.30
N SER A 185 -9.48 28.30 13.57
CA SER A 185 -8.71 28.98 14.64
C SER A 185 -8.44 28.02 15.76
N PHE A 186 -7.59 28.41 16.71
CA PHE A 186 -7.23 27.56 17.84
C PHE A 186 -7.16 28.35 19.17
N ILE A 187 -7.38 27.66 20.28
CA ILE A 187 -7.30 28.21 21.65
C ILE A 187 -6.38 27.28 22.44
N VAL A 188 -5.28 27.84 22.96
CA VAL A 188 -4.31 27.08 23.72
C VAL A 188 -4.18 27.80 25.05
N ASP A 189 -4.41 27.07 26.16
CA ASP A 189 -4.33 27.64 27.50
C ASP A 189 -5.20 28.91 27.68
N GLY A 190 -6.41 28.88 27.14
CA GLY A 190 -7.33 30.01 27.25
C GLY A 190 -7.05 31.16 26.31
N GLN A 191 -5.92 31.10 25.59
CA GLN A 191 -5.48 32.11 24.65
C GLN A 191 -5.96 31.84 23.21
N TYR A 192 -6.66 32.82 22.62
CA TYR A 192 -7.11 32.73 21.25
C TYR A 192 -5.91 33.07 20.36
N LEU A 193 -5.51 32.13 19.46
CA LEU A 193 -4.29 32.27 18.66
C LEU A 193 -4.47 32.92 17.31
N GLY A 194 -5.69 33.37 17.03
CA GLY A 194 -6.02 34.03 15.77
C GLY A 194 -6.47 33.07 14.69
N VAL A 195 -6.73 33.61 13.51
CA VAL A 195 -7.17 32.82 12.37
C VAL A 195 -5.97 32.07 11.82
N ALA A 196 -6.07 30.73 11.70
CA ALA A 196 -4.99 29.95 11.13
C ALA A 196 -5.22 29.85 9.61
N PHE A 197 -6.45 29.50 9.20
CA PHE A 197 -6.82 29.33 7.79
C PHE A 197 -8.06 30.11 7.43
N ARG A 198 -8.13 30.57 6.17
CA ARG A 198 -9.25 31.28 5.56
C ARG A 198 -9.67 30.51 4.32
N GLY A 199 -10.86 30.82 3.81
CA GLY A 199 -11.40 30.23 2.58
C GLY A 199 -12.06 28.88 2.69
N LEU A 200 -12.66 28.59 3.84
CA LEU A 200 -13.30 27.30 4.07
C LEU A 200 -14.80 27.24 3.74
N LYS A 201 -15.48 28.38 3.51
CA LYS A 201 -16.91 28.40 3.21
C LYS A 201 -17.28 27.59 1.96
N GLY A 202 -18.42 26.90 2.00
CA GLY A 202 -18.89 26.12 0.87
C GLY A 202 -18.46 24.67 0.88
N LYS A 203 -17.53 24.31 1.77
CA LYS A 203 -17.00 22.98 1.96
C LYS A 203 -17.76 22.23 3.09
N LYS A 204 -17.62 20.91 3.16
CA LYS A 204 -18.17 20.09 4.23
C LYS A 204 -16.92 19.64 4.96
N LEU A 205 -16.61 20.20 6.11
CA LEU A 205 -15.31 19.88 6.72
C LEU A 205 -15.40 19.04 7.99
N TYR A 206 -14.56 18.01 8.09
CA TYR A 206 -14.56 17.12 9.26
C TYR A 206 -13.36 17.34 10.12
N PRO A 207 -13.48 17.15 11.45
CA PRO A 207 -12.29 17.16 12.29
C PRO A 207 -11.38 16.05 11.82
N VAL A 208 -10.09 16.27 11.88
CA VAL A 208 -9.10 15.27 11.44
C VAL A 208 -7.78 15.52 12.18
N VAL A 209 -6.98 14.46 12.30
CA VAL A 209 -5.62 14.48 12.81
C VAL A 209 -4.81 13.48 11.99
N SER A 210 -3.47 13.65 11.93
CA SER A 210 -2.60 12.62 11.33
C SER A 210 -1.48 12.41 12.34
N ALA A 211 -1.18 11.14 12.60
CA ALA A 211 -0.24 10.73 13.64
C ALA A 211 0.79 9.75 13.08
N VAL A 212 2.00 9.77 13.69
CA VAL A 212 3.16 8.95 13.28
C VAL A 212 3.73 8.16 14.50
N TRP A 213 3.27 8.45 15.72
CA TRP A 213 3.80 7.85 16.93
C TRP A 213 3.12 6.55 17.32
N GLY A 214 3.94 5.53 17.46
CA GLY A 214 3.47 4.21 17.85
C GLY A 214 2.86 4.26 19.23
N HIS A 215 1.61 3.73 19.38
CA HIS A 215 0.82 3.68 20.61
C HIS A 215 0.24 5.03 21.02
N CYS A 216 0.32 6.07 20.17
CA CYS A 216 -0.28 7.36 20.57
C CYS A 216 -1.79 7.23 20.71
N GLU A 217 -2.37 8.03 21.60
CA GLU A 217 -3.80 8.04 21.85
C GLU A 217 -4.28 9.49 21.83
N VAL A 218 -5.19 9.78 20.94
CA VAL A 218 -5.68 11.14 20.73
C VAL A 218 -7.16 11.15 20.99
N THR A 219 -7.60 12.05 21.86
CA THR A 219 -8.97 12.18 22.26
C THR A 219 -9.53 13.42 21.65
N MET A 220 -10.78 13.31 21.21
CA MET A 220 -11.50 14.45 20.69
C MET A 220 -12.84 14.54 21.38
N ARG A 221 -13.09 15.70 22.00
CA ARG A 221 -14.34 15.93 22.64
C ARG A 221 -15.01 17.19 22.05
N TYR A 222 -16.13 17.00 21.38
CA TYR A 222 -16.89 18.10 20.80
C TYR A 222 -17.40 18.94 21.94
N ILE A 223 -17.14 20.24 21.87
CA ILE A 223 -17.50 21.21 22.92
C ILE A 223 -18.93 21.70 22.63
N ASN A 224 -19.17 22.31 21.47
CA ASN A 224 -20.51 22.79 21.12
C ASN A 224 -20.51 23.41 19.77
N GLY A 225 -21.71 23.69 19.28
CA GLY A 225 -21.90 24.32 17.99
C GLY A 225 -22.94 25.39 18.08
N LEU A 226 -22.81 26.41 17.23
CA LEU A 226 -23.76 27.52 17.12
C LEU A 226 -24.26 27.53 15.72
N ASP A 227 -25.51 27.96 15.55
CA ASP A 227 -26.13 28.07 14.22
C ASP A 227 -25.64 29.37 13.57
N PRO A 228 -25.62 29.47 12.21
CA PRO A 228 -25.19 30.73 11.55
C PRO A 228 -25.83 32.04 12.01
N VAL B 2 15.92 1.79 16.25
CA VAL B 2 16.42 2.88 15.42
C VAL B 2 15.30 3.90 15.17
N ASP B 3 14.07 3.42 14.92
CA ASP B 3 12.90 4.27 14.67
C ASP B 3 12.69 5.35 15.74
N ILE B 4 12.52 6.61 15.32
CA ILE B 4 12.37 7.74 16.23
C ILE B 4 10.90 8.14 16.50
N ASN B 5 9.94 7.37 15.96
CA ASN B 5 8.53 7.63 16.16
C ASN B 5 7.85 6.52 16.96
N ASN B 6 8.63 5.82 17.81
CA ASN B 6 8.16 4.72 18.65
C ASN B 6 7.50 3.58 17.84
N ASN B 7 8.04 3.29 16.66
CA ASN B 7 7.51 2.21 15.84
C ASN B 7 8.54 1.08 15.74
N ALA C 31 -2.76 0.81 -19.66
CA ALA C 31 -3.40 -0.41 -19.21
C ALA C 31 -4.57 -0.10 -18.29
N ARG C 32 -5.66 -0.83 -18.49
CA ARG C 32 -6.89 -0.66 -17.73
C ARG C 32 -6.66 -0.80 -16.21
N LEU C 33 -5.75 -1.71 -15.78
CA LEU C 33 -5.44 -1.88 -14.36
C LEU C 33 -4.79 -0.63 -13.78
N ASP C 34 -3.95 0.04 -14.58
CA ASP C 34 -3.29 1.26 -14.15
C ASP C 34 -4.27 2.40 -14.05
N GLN C 35 -5.17 2.53 -15.03
CA GLN C 35 -6.23 3.54 -15.09
C GLN C 35 -7.17 3.39 -13.88
N LEU C 36 -7.49 2.14 -13.47
CA LEU C 36 -8.31 1.89 -12.29
C LEU C 36 -7.58 2.35 -11.01
N LEU C 37 -6.32 1.93 -10.84
CA LEU C 37 -5.55 2.28 -9.65
C LEU C 37 -5.09 3.73 -9.57
N ASP C 38 -5.01 4.44 -10.71
CA ASP C 38 -4.60 5.85 -10.76
C ASP C 38 -5.74 6.81 -10.38
N MET C 39 -7.01 6.37 -10.52
CA MET C 39 -8.18 7.17 -10.15
C MET C 39 -8.09 7.45 -8.63
N PRO C 40 -8.55 8.62 -8.11
CA PRO C 40 -8.56 8.82 -6.65
C PRO C 40 -9.47 7.74 -6.03
N ALA C 41 -9.01 7.08 -4.94
CA ALA C 41 -9.76 6.03 -4.26
C ALA C 41 -11.16 6.51 -3.94
N ALA C 42 -12.16 5.64 -4.05
CA ALA C 42 -13.54 6.02 -3.79
C ALA C 42 -13.77 6.38 -2.32
N GLY C 43 -14.63 7.37 -2.09
CA GLY C 43 -14.93 7.82 -0.73
C GLY C 43 -15.75 6.84 0.07
N LEU C 44 -15.97 7.20 1.34
CA LEU C 44 -16.72 6.44 2.33
C LEU C 44 -18.12 6.04 1.90
N ALA C 45 -18.87 6.95 1.25
CA ALA C 45 -20.23 6.63 0.80
C ALA C 45 -20.22 5.43 -0.16
N VAL C 46 -19.27 5.43 -1.11
CA VAL C 46 -19.13 4.34 -2.09
C VAL C 46 -18.71 3.06 -1.32
N GLN C 47 -17.72 3.17 -0.46
CA GLN C 47 -17.23 2.06 0.36
C GLN C 47 -18.38 1.40 1.13
N LEU C 48 -19.27 2.21 1.69
CA LEU C 48 -20.41 1.72 2.46
C LEU C 48 -21.40 0.97 1.59
N ARG C 49 -21.62 1.45 0.38
CA ARG C 49 -22.52 0.77 -0.57
C ARG C 49 -21.98 -0.57 -1.07
N HIS C 50 -20.64 -0.75 -1.09
CA HIS C 50 -19.96 -1.99 -1.54
C HIS C 50 -19.42 -2.85 -0.38
N ALA C 51 -19.82 -2.52 0.83
CA ALA C 51 -19.38 -3.16 2.06
C ALA C 51 -20.05 -4.51 2.24
N TRP C 52 -19.64 -5.29 3.25
CA TRP C 52 -20.25 -6.58 3.57
C TRP C 52 -21.76 -6.40 3.69
N ASN C 53 -22.48 -7.42 3.28
CA ASN C 53 -23.92 -7.40 3.35
C ASN C 53 -24.38 -8.04 4.64
N PRO C 54 -25.00 -7.27 5.58
CA PRO C 54 -25.45 -7.86 6.84
C PRO C 54 -26.60 -8.83 6.65
N GLU C 55 -27.25 -8.76 5.49
CA GLU C 55 -28.34 -9.66 5.13
C GLU C 55 -27.88 -10.83 4.23
N ASP C 56 -26.56 -11.01 4.02
CA ASP C 56 -26.03 -12.09 3.16
C ASP C 56 -24.74 -12.68 3.79
N ARG C 57 -24.93 -13.47 4.85
CA ARG C 57 -23.87 -13.97 5.68
C ARG C 57 -24.26 -15.23 6.40
N SER C 58 -23.24 -15.92 6.91
CA SER C 58 -23.42 -16.99 7.86
C SER C 58 -23.99 -16.28 9.09
N LEU C 59 -24.87 -16.96 9.83
CA LEU C 59 -25.42 -16.37 11.07
C LEU C 59 -24.37 -16.31 12.20
N ASN C 60 -23.20 -16.92 11.99
CA ASN C 60 -22.12 -16.88 12.99
C ASN C 60 -21.24 -15.64 12.84
N VAL C 61 -21.46 -14.79 11.82
CA VAL C 61 -20.71 -13.53 11.69
C VAL C 61 -21.70 -12.37 11.70
N PHE C 62 -21.22 -11.16 11.99
CA PHE C 62 -22.11 -10.01 11.87
C PHE C 62 -21.31 -8.81 11.50
N VAL C 63 -21.94 -7.85 10.86
CA VAL C 63 -21.29 -6.58 10.51
C VAL C 63 -21.24 -5.74 11.80
N LYS C 64 -20.08 -5.14 12.10
CA LYS C 64 -19.92 -4.38 13.35
C LYS C 64 -20.90 -3.22 13.43
N ASP C 65 -21.55 -3.08 14.60
CA ASP C 65 -22.55 -2.04 14.87
C ASP C 65 -22.01 -0.63 14.61
N ASP C 66 -20.70 -0.43 14.91
CA ASP C 66 -19.95 0.80 14.80
C ASP C 66 -19.06 0.92 13.57
N ASP C 67 -18.87 -0.18 12.81
CA ASP C 67 -18.02 -0.13 11.64
C ASP C 67 -18.59 -1.04 10.62
N ARG C 68 -19.45 -0.50 9.76
CA ARG C 68 -20.13 -1.26 8.73
C ARG C 68 -19.16 -1.87 7.69
N LEU C 69 -17.90 -1.44 7.69
CA LEU C 69 -16.93 -1.98 6.74
C LEU C 69 -16.29 -3.26 7.27
N THR C 70 -16.54 -3.61 8.53
CA THR C 70 -15.92 -4.74 9.23
C THR C 70 -16.95 -5.71 9.78
N PHE C 71 -16.70 -7.02 9.61
CA PHE C 71 -17.53 -8.02 10.25
C PHE C 71 -16.74 -8.62 11.37
N HIS C 72 -17.43 -9.29 12.30
CA HIS C 72 -16.87 -9.95 13.48
C HIS C 72 -17.39 -11.37 13.41
N ARG C 73 -16.52 -12.36 13.67
CA ARG C 73 -17.01 -13.76 13.67
C ARG C 73 -17.13 -14.20 15.12
N HIS C 74 -18.27 -14.78 15.54
CA HIS C 74 -18.43 -15.33 16.89
C HIS C 74 -17.47 -16.56 17.08
N PRO C 75 -17.03 -16.91 18.32
CA PRO C 75 -16.12 -18.06 18.51
C PRO C 75 -16.81 -19.43 18.43
N VAL C 76 -17.26 -19.79 17.25
CA VAL C 76 -18.01 -21.01 17.02
C VAL C 76 -17.05 -22.15 16.66
N ALA C 77 -17.09 -23.24 17.44
CA ALA C 77 -16.24 -24.39 17.25
C ALA C 77 -16.67 -25.19 16.06
N GLN C 78 -15.67 -25.68 15.29
CA GLN C 78 -15.86 -26.53 14.10
C GLN C 78 -16.90 -25.97 13.12
N SER C 79 -16.69 -24.72 12.74
CA SER C 79 -17.54 -23.97 11.83
C SER C 79 -16.73 -23.06 10.92
N THR C 80 -17.11 -22.99 9.61
CA THR C 80 -16.50 -22.09 8.64
C THR C 80 -17.63 -21.19 8.22
N ASP C 81 -17.37 -19.89 8.24
CA ASP C 81 -18.39 -18.87 8.05
C ASP C 81 -17.94 -17.81 7.12
N GLY C 82 -18.83 -17.50 6.18
CA GLY C 82 -18.58 -16.51 5.16
C GLY C 82 -19.60 -15.40 5.10
N ILE C 83 -19.28 -14.39 4.30
CA ILE C 83 -20.18 -13.24 4.09
C ILE C 83 -19.86 -12.68 2.74
N ARG C 84 -20.89 -12.20 2.01
CA ARG C 84 -20.64 -11.63 0.73
C ARG C 84 -20.76 -10.13 0.87
N GLY C 85 -20.22 -9.42 -0.11
CA GLY C 85 -20.38 -7.98 -0.23
C GLY C 85 -21.77 -7.70 -0.77
N LYS C 86 -22.22 -6.46 -0.65
CA LYS C 86 -23.55 -6.02 -1.10
C LYS C 86 -23.68 -5.99 -2.63
N VAL C 87 -22.55 -5.74 -3.32
CA VAL C 87 -22.54 -5.55 -4.74
C VAL C 87 -21.89 -6.71 -5.53
N GLY C 88 -22.63 -7.20 -6.49
CA GLY C 88 -22.18 -8.24 -7.43
C GLY C 88 -21.81 -7.58 -8.74
N HIS C 89 -20.66 -7.99 -9.30
CA HIS C 89 -20.18 -7.41 -10.56
C HIS C 89 -20.38 -8.36 -11.72
N ALA C 90 -20.87 -7.83 -12.84
CA ALA C 90 -21.16 -8.59 -14.06
C ALA C 90 -20.31 -8.06 -15.20
N ARG C 91 -19.82 -6.85 -15.08
CA ARG C 91 -19.01 -6.18 -16.09
C ARG C 91 -18.03 -5.19 -15.45
N GLY C 92 -17.04 -4.78 -16.23
CA GLY C 92 -16.04 -3.82 -15.79
C GLY C 92 -14.96 -4.43 -14.90
N LEU C 93 -13.98 -3.60 -14.55
CA LEU C 93 -12.87 -3.96 -13.70
C LEU C 93 -13.13 -3.37 -12.32
N HIS C 94 -12.86 -4.14 -11.26
CA HIS C 94 -13.10 -3.64 -9.92
C HIS C 94 -11.98 -4.08 -8.99
N ALA C 95 -11.68 -3.27 -7.95
CA ALA C 95 -10.75 -3.64 -6.93
C ALA C 95 -11.26 -3.23 -5.53
N TRP C 96 -10.96 -4.05 -4.50
CA TRP C 96 -11.29 -3.72 -3.10
C TRP C 96 -10.14 -4.18 -2.23
N GLN C 97 -9.95 -3.50 -1.13
CA GLN C 97 -8.91 -3.87 -0.17
C GLN C 97 -9.53 -4.74 0.92
N ILE C 98 -8.83 -5.81 1.26
CA ILE C 98 -9.24 -6.66 2.39
C ILE C 98 -8.17 -6.48 3.46
N ASN C 99 -8.56 -6.17 4.69
CA ASN C 99 -7.62 -6.07 5.81
C ASN C 99 -8.02 -7.14 6.79
N TRP C 100 -7.12 -8.09 6.98
CA TRP C 100 -7.34 -9.28 7.81
C TRP C 100 -6.10 -9.46 8.66
N PRO C 101 -6.11 -8.97 9.91
CA PRO C 101 -4.91 -9.13 10.79
C PRO C 101 -4.45 -10.58 10.78
N ALA C 102 -3.15 -10.79 10.55
CA ALA C 102 -2.53 -12.12 10.41
C ALA C 102 -2.86 -13.06 11.55
N ARG C 103 -2.88 -12.55 12.79
CA ARG C 103 -3.15 -13.33 14.00
C ARG C 103 -4.63 -13.67 14.23
N GLN C 104 -5.52 -13.28 13.29
CA GLN C 104 -6.94 -13.56 13.34
C GLN C 104 -7.35 -14.38 12.11
N ARG C 105 -6.38 -15.14 11.55
CA ARG C 105 -6.60 -15.93 10.34
C ARG C 105 -6.87 -17.39 10.59
N GLY C 106 -6.28 -17.98 11.64
CA GLY C 106 -6.48 -19.38 11.94
C GLY C 106 -6.02 -20.30 10.83
N THR C 107 -6.69 -21.46 10.66
CA THR C 107 -6.25 -22.47 9.69
C THR C 107 -6.70 -22.22 8.28
N HIS C 108 -7.81 -21.46 8.09
CA HIS C 108 -8.34 -21.24 6.76
C HIS C 108 -8.94 -19.86 6.66
N ALA C 109 -8.18 -18.91 6.09
CA ALA C 109 -8.63 -17.53 5.84
C ALA C 109 -8.63 -17.43 4.31
N VAL C 110 -9.82 -17.49 3.70
CA VAL C 110 -9.97 -17.50 2.26
C VAL C 110 -10.59 -16.23 1.77
N VAL C 111 -9.98 -15.64 0.73
CA VAL C 111 -10.43 -14.39 0.13
C VAL C 111 -10.66 -14.61 -1.37
N GLY C 112 -11.79 -14.18 -1.87
CA GLY C 112 -12.03 -14.33 -3.30
C GLY C 112 -13.32 -13.69 -3.76
N VAL C 113 -14.03 -14.43 -4.60
CA VAL C 113 -15.32 -14.03 -5.17
C VAL C 113 -16.28 -15.19 -5.17
N ALA C 114 -17.58 -14.88 -5.20
CA ALA C 114 -18.62 -15.91 -5.21
C ALA C 114 -19.88 -15.49 -5.95
N THR C 115 -20.60 -16.49 -6.51
CA THR C 115 -21.90 -16.17 -7.10
C THR C 115 -22.83 -15.96 -5.87
N ALA C 116 -24.10 -15.54 -6.09
CA ALA C 116 -25.07 -15.32 -5.00
C ALA C 116 -25.52 -16.63 -4.30
N ARG C 117 -25.20 -17.81 -4.89
CA ARG C 117 -25.61 -19.15 -4.45
C ARG C 117 -24.55 -19.88 -3.64
N ALA C 118 -23.30 -19.35 -3.62
CA ALA C 118 -22.23 -20.00 -2.86
C ALA C 118 -22.62 -20.16 -1.40
N PRO C 119 -22.50 -21.39 -0.84
CA PRO C 119 -22.80 -21.61 0.60
C PRO C 119 -21.90 -20.76 1.51
N LEU C 120 -22.45 -20.16 2.55
CA LEU C 120 -21.67 -19.28 3.43
C LEU C 120 -21.43 -19.92 4.80
N HIS C 121 -21.69 -21.22 4.92
CA HIS C 121 -21.43 -21.96 6.15
C HIS C 121 -21.12 -23.38 5.85
N SER C 122 -20.17 -23.95 6.58
CA SER C 122 -19.87 -25.37 6.46
C SER C 122 -19.49 -25.84 7.81
N VAL C 123 -19.71 -27.12 8.09
CA VAL C 123 -19.28 -27.67 9.38
C VAL C 123 -17.79 -27.93 9.26
N GLY C 124 -17.09 -27.90 10.40
CA GLY C 124 -15.65 -28.07 10.48
C GLY C 124 -14.90 -26.84 10.01
N TYR C 125 -13.57 -26.93 9.90
CA TYR C 125 -12.71 -25.83 9.44
C TYR C 125 -12.22 -26.15 8.05
N THR C 126 -12.72 -25.40 7.05
CA THR C 126 -12.45 -25.65 5.63
C THR C 126 -12.18 -24.38 4.82
N ALA C 127 -11.66 -24.58 3.61
CA ALA C 127 -11.50 -23.53 2.61
C ALA C 127 -12.87 -23.47 1.86
N LEU C 128 -13.89 -22.95 2.59
CA LEU C 128 -15.30 -22.85 2.16
C LEU C 128 -15.46 -22.03 0.90
N VAL C 129 -14.69 -20.94 0.80
CA VAL C 129 -14.67 -20.17 -0.44
C VAL C 129 -13.73 -20.94 -1.36
N GLY C 130 -14.28 -21.40 -2.48
CA GLY C 130 -13.57 -22.21 -3.45
C GLY C 130 -13.86 -23.69 -3.33
N SER C 131 -14.75 -24.08 -2.39
CA SER C 131 -15.10 -25.48 -2.11
C SER C 131 -15.92 -26.15 -3.25
N ASP C 132 -16.74 -25.38 -3.99
CA ASP C 132 -17.54 -25.87 -5.13
C ASP C 132 -17.44 -24.91 -6.34
N ALA C 133 -18.29 -25.06 -7.40
CA ALA C 133 -18.18 -24.20 -8.59
C ALA C 133 -18.71 -22.76 -8.41
N GLU C 134 -19.22 -22.42 -7.23
CA GLU C 134 -19.86 -21.14 -6.96
C GLU C 134 -18.90 -20.08 -6.40
N SER C 135 -17.70 -20.47 -6.09
CA SER C 135 -16.75 -19.49 -5.55
C SER C 135 -15.34 -19.82 -5.95
N TRP C 136 -14.47 -18.80 -5.90
CA TRP C 136 -13.05 -18.87 -6.23
C TRP C 136 -12.35 -18.16 -5.06
N GLY C 137 -11.39 -18.81 -4.44
CA GLY C 137 -10.69 -18.20 -3.33
C GLY C 137 -9.24 -18.53 -3.20
N TRP C 138 -8.51 -17.61 -2.53
CA TRP C 138 -7.10 -17.75 -2.20
C TRP C 138 -7.04 -17.97 -0.70
N ASP C 139 -6.60 -19.18 -0.29
CA ASP C 139 -6.38 -19.51 1.12
C ASP C 139 -5.07 -18.82 1.49
N LEU C 140 -5.15 -17.74 2.28
CA LEU C 140 -3.98 -16.94 2.60
C LEU C 140 -2.84 -17.67 3.33
N GLY C 141 -3.19 -18.43 4.34
CA GLY C 141 -2.21 -19.15 5.15
C GLY C 141 -1.59 -20.32 4.41
N ARG C 142 -2.38 -21.01 3.61
CA ARG C 142 -1.86 -22.18 2.90
C ARG C 142 -1.24 -21.82 1.53
N SER C 143 -1.48 -20.57 1.03
CA SER C 143 -1.02 -20.03 -0.24
C SER C 143 -1.53 -20.91 -1.36
N ARG C 144 -2.80 -21.29 -1.24
CA ARG C 144 -3.44 -22.17 -2.24
C ARG C 144 -4.70 -21.55 -2.79
N LEU C 145 -4.93 -21.74 -4.10
CA LEU C 145 -6.11 -21.27 -4.81
C LEU C 145 -7.09 -22.43 -4.91
N TYR C 146 -8.35 -22.17 -4.55
CA TYR C 146 -9.41 -23.16 -4.60
C TYR C 146 -10.57 -22.74 -5.44
N HIS C 147 -11.04 -23.69 -6.24
CA HIS C 147 -12.23 -23.62 -7.04
C HIS C 147 -12.64 -25.04 -7.29
N ASP C 148 -13.92 -25.33 -6.95
CA ASP C 148 -14.50 -26.64 -7.08
C ASP C 148 -13.62 -27.63 -6.32
N GLY C 149 -13.13 -27.19 -5.16
CA GLY C 149 -12.24 -27.89 -4.25
C GLY C 149 -12.71 -29.25 -3.83
N LYS C 150 -14.03 -29.50 -3.94
CA LYS C 150 -14.62 -30.81 -3.67
C LYS C 150 -14.14 -31.82 -4.72
N ASN C 151 -13.87 -31.34 -5.96
CA ASN C 151 -13.43 -32.13 -7.15
C ASN C 151 -12.00 -31.86 -7.62
N GLN C 152 -11.49 -30.63 -7.41
CA GLN C 152 -10.20 -30.19 -7.92
C GLN C 152 -9.20 -29.93 -6.79
N PRO C 153 -7.91 -30.22 -7.03
CA PRO C 153 -6.88 -29.92 -6.01
C PRO C 153 -6.57 -28.42 -5.93
N GLY C 154 -5.99 -28.00 -4.80
CA GLY C 154 -5.56 -26.62 -4.61
C GLY C 154 -4.34 -26.34 -5.47
N VAL C 155 -4.21 -25.08 -5.95
CA VAL C 155 -3.10 -24.67 -6.80
C VAL C 155 -2.28 -23.65 -6.02
N ALA C 156 -0.95 -23.83 -5.95
CA ALA C 156 -0.03 -22.90 -5.28
C ALA C 156 -0.05 -21.50 -5.91
N TYR C 157 -0.13 -20.45 -5.08
CA TYR C 157 -0.15 -19.06 -5.54
C TYR C 157 0.43 -18.21 -4.44
N PRO C 158 1.58 -17.55 -4.69
CA PRO C 158 2.36 -17.54 -5.93
C PRO C 158 2.89 -18.93 -6.32
N ALA C 159 3.02 -19.13 -7.63
CA ALA C 159 3.43 -20.39 -8.23
C ALA C 159 4.87 -20.85 -7.89
N PHE C 160 5.74 -19.96 -7.35
CA PHE C 160 7.11 -20.37 -6.99
C PHE C 160 7.18 -21.30 -5.79
N LEU C 161 6.10 -21.35 -4.98
CA LEU C 161 6.06 -22.15 -3.76
C LEU C 161 6.13 -23.69 -3.97
N GLY C 162 6.92 -24.32 -3.11
CA GLY C 162 7.04 -25.77 -3.07
C GLY C 162 5.78 -26.37 -2.45
N PRO C 163 5.56 -27.70 -2.58
CA PRO C 163 4.34 -28.31 -2.05
C PRO C 163 4.13 -28.15 -0.55
N ASP C 164 5.24 -28.06 0.23
CA ASP C 164 5.19 -27.92 1.69
C ASP C 164 5.57 -26.49 2.14
N GLU C 165 5.39 -25.51 1.24
CA GLU C 165 5.76 -24.12 1.44
C GLU C 165 4.58 -23.17 1.39
N ALA C 166 4.63 -22.11 2.19
CA ALA C 166 3.62 -21.06 2.17
C ALA C 166 4.31 -19.70 2.14
N PHE C 167 3.66 -18.71 1.50
CA PHE C 167 4.17 -17.35 1.34
C PHE C 167 3.59 -16.43 2.41
N ALA C 168 4.46 -15.75 3.19
CA ALA C 168 4.06 -14.80 4.24
C ALA C 168 3.28 -13.63 3.63
N LEU C 169 2.12 -13.35 4.23
CA LEU C 169 1.28 -12.28 3.75
C LEU C 169 1.06 -11.26 4.82
N PRO C 170 1.10 -9.96 4.46
CA PRO C 170 0.80 -8.90 5.44
C PRO C 170 -0.71 -8.86 5.69
N ASP C 171 -1.17 -7.97 6.55
CA ASP C 171 -2.59 -7.93 6.90
C ASP C 171 -3.49 -7.52 5.77
N SER C 172 -2.99 -6.69 4.85
CA SER C 172 -3.82 -6.19 3.76
C SER C 172 -3.43 -6.70 2.38
N LEU C 173 -4.44 -6.77 1.51
CA LEU C 173 -4.23 -7.21 0.15
C LEU C 173 -5.32 -6.59 -0.72
N LEU C 174 -5.02 -6.46 -2.00
CA LEU C 174 -5.98 -5.89 -2.94
C LEU C 174 -6.51 -7.01 -3.78
N VAL C 175 -7.84 -7.05 -3.92
CA VAL C 175 -8.49 -8.08 -4.76
C VAL C 175 -8.97 -7.41 -6.02
N VAL C 176 -8.53 -7.93 -7.16
CA VAL C 176 -8.84 -7.32 -8.46
C VAL C 176 -9.66 -8.28 -9.32
N LEU C 177 -10.91 -7.90 -9.58
CA LEU C 177 -11.89 -8.65 -10.40
C LEU C 177 -12.10 -7.93 -11.74
N ASP C 178 -11.70 -8.57 -12.81
CA ASP C 178 -11.92 -8.03 -14.15
C ASP C 178 -13.04 -8.87 -14.74
N MET C 179 -14.27 -8.30 -14.80
CA MET C 179 -15.41 -9.07 -15.30
C MET C 179 -15.50 -9.13 -16.81
N ASP C 180 -14.78 -8.25 -17.53
CA ASP C 180 -14.77 -8.28 -18.99
C ASP C 180 -13.82 -9.36 -19.50
N GLU C 181 -12.64 -9.48 -18.88
CA GLU C 181 -11.65 -10.51 -19.23
C GLU C 181 -11.96 -11.82 -18.51
N GLY C 182 -12.81 -11.75 -17.48
CA GLY C 182 -13.21 -12.87 -16.65
C GLY C 182 -12.10 -13.40 -15.78
N THR C 183 -11.40 -12.52 -15.03
CA THR C 183 -10.27 -12.94 -14.20
C THR C 183 -10.30 -12.37 -12.80
N LEU C 184 -9.57 -13.03 -11.88
CA LEU C 184 -9.34 -12.59 -10.51
C LEU C 184 -7.88 -12.57 -10.26
N SER C 185 -7.37 -11.48 -9.66
CA SER C 185 -5.94 -11.29 -9.39
C SER C 185 -5.77 -10.62 -8.04
N PHE C 186 -4.55 -10.65 -7.51
CA PHE C 186 -4.28 -10.05 -6.22
C PHE C 186 -3.03 -9.16 -6.25
N ILE C 187 -3.03 -8.14 -5.43
CA ILE C 187 -1.92 -7.20 -5.24
C ILE C 187 -1.56 -7.25 -3.79
N VAL C 188 -0.29 -7.59 -3.50
CA VAL C 188 0.20 -7.69 -2.13
C VAL C 188 1.49 -6.89 -1.99
N ASP C 189 1.56 -6.00 -0.99
CA ASP C 189 2.80 -5.24 -0.69
C ASP C 189 3.29 -4.49 -1.94
N GLY C 190 2.36 -3.79 -2.59
CA GLY C 190 2.61 -3.00 -3.79
C GLY C 190 3.04 -3.77 -5.03
N GLN C 191 2.89 -5.10 -5.03
CA GLN C 191 3.31 -5.94 -6.14
C GLN C 191 2.15 -6.70 -6.72
N TYR C 192 2.04 -6.67 -8.04
CA TYR C 192 1.01 -7.41 -8.79
C TYR C 192 1.40 -8.87 -8.85
N LEU C 193 0.58 -9.73 -8.24
CA LEU C 193 0.92 -11.16 -8.19
C LEU C 193 0.38 -11.97 -9.39
N GLY C 194 -0.23 -11.29 -10.35
CA GLY C 194 -0.75 -11.91 -11.56
C GLY C 194 -2.11 -12.54 -11.44
N VAL C 195 -2.58 -13.13 -12.56
CA VAL C 195 -3.89 -13.80 -12.63
C VAL C 195 -3.89 -15.05 -11.79
N ALA C 196 -4.95 -15.18 -10.95
CA ALA C 196 -5.16 -16.30 -10.06
C ALA C 196 -6.17 -17.24 -10.71
N PHE C 197 -7.29 -16.70 -11.23
CA PHE C 197 -8.35 -17.49 -11.88
C PHE C 197 -8.81 -16.82 -13.18
N ARG C 198 -9.24 -17.65 -14.14
CA ARG C 198 -9.81 -17.25 -15.42
C ARG C 198 -11.19 -17.91 -15.51
N GLY C 199 -11.86 -17.72 -16.65
CA GLY C 199 -13.18 -18.28 -16.91
C GLY C 199 -14.33 -17.68 -16.13
N LEU C 200 -14.18 -16.45 -15.62
CA LEU C 200 -15.22 -15.78 -14.82
C LEU C 200 -16.26 -15.03 -15.66
N LYS C 201 -16.06 -14.95 -16.99
CA LYS C 201 -16.93 -14.23 -17.92
C LYS C 201 -18.40 -14.66 -17.88
N GLY C 202 -19.30 -13.67 -17.96
CA GLY C 202 -20.75 -13.87 -17.99
C GLY C 202 -21.44 -14.20 -16.69
N LYS C 203 -20.75 -13.97 -15.55
CA LYS C 203 -21.28 -14.25 -14.22
C LYS C 203 -21.52 -12.96 -13.42
N LYS C 204 -22.14 -13.10 -12.23
CA LYS C 204 -22.37 -11.99 -11.28
C LYS C 204 -21.65 -12.41 -9.99
N LEU C 205 -20.47 -11.84 -9.77
CA LEU C 205 -19.58 -12.25 -8.72
C LEU C 205 -19.43 -11.18 -7.66
N TYR C 206 -19.63 -11.61 -6.41
CA TYR C 206 -19.57 -10.76 -5.23
C TYR C 206 -18.30 -10.99 -4.48
N PRO C 207 -17.79 -9.93 -3.85
CA PRO C 207 -16.66 -10.17 -2.93
C PRO C 207 -17.12 -11.12 -1.82
N VAL C 208 -16.20 -11.95 -1.32
CA VAL C 208 -16.52 -12.95 -0.31
C VAL C 208 -15.27 -13.34 0.42
N VAL C 209 -15.46 -13.84 1.64
CA VAL C 209 -14.43 -14.43 2.47
C VAL C 209 -15.06 -15.56 3.29
N SER C 210 -14.27 -16.50 3.70
CA SER C 210 -14.62 -17.55 4.66
C SER C 210 -13.56 -17.51 5.76
N ALA C 211 -14.04 -17.54 7.01
CA ALA C 211 -13.23 -17.40 8.18
C ALA C 211 -13.47 -18.53 9.18
N VAL C 212 -12.46 -18.86 9.99
CA VAL C 212 -12.62 -19.92 10.98
C VAL C 212 -12.24 -19.43 12.38
N TRP C 213 -11.54 -18.29 12.44
CA TRP C 213 -11.01 -17.74 13.68
C TRP C 213 -12.03 -17.02 14.55
N GLY C 214 -12.16 -17.48 15.78
CA GLY C 214 -13.03 -16.87 16.78
C GLY C 214 -12.65 -15.44 17.03
N HIS C 215 -13.65 -14.53 17.08
CA HIS C 215 -13.45 -13.09 17.29
C HIS C 215 -12.71 -12.38 16.15
N CYS C 216 -12.46 -13.02 14.98
CA CYS C 216 -11.76 -12.30 13.92
C CYS C 216 -12.58 -11.11 13.35
N GLU C 217 -11.90 -10.05 12.93
CA GLU C 217 -12.54 -8.87 12.32
C GLU C 217 -11.84 -8.57 11.03
N VAL C 218 -12.62 -8.61 9.94
CA VAL C 218 -12.13 -8.43 8.59
C VAL C 218 -12.80 -7.22 7.93
N THR C 219 -11.97 -6.30 7.42
CA THR C 219 -12.48 -5.06 6.82
C THR C 219 -12.36 -5.18 5.30
N MET C 220 -13.42 -4.72 4.58
CA MET C 220 -13.39 -4.62 3.12
C MET C 220 -13.74 -3.18 2.74
N ARG C 221 -12.83 -2.54 1.99
CA ARG C 221 -12.95 -1.16 1.52
C ARG C 221 -12.81 -1.17 -0.01
N TYR C 222 -13.95 -1.02 -0.71
CA TYR C 222 -13.99 -0.94 -2.16
C TYR C 222 -13.09 0.21 -2.63
N ILE C 223 -12.22 -0.06 -3.62
CA ILE C 223 -11.30 0.96 -4.12
C ILE C 223 -11.93 1.74 -5.30
N ASN C 224 -12.31 1.03 -6.38
CA ASN C 224 -12.92 1.61 -7.57
C ASN C 224 -13.35 0.53 -8.51
N GLY C 225 -14.10 1.00 -9.51
CA GLY C 225 -14.64 0.25 -10.62
C GLY C 225 -14.36 1.03 -11.89
N LEU C 226 -14.13 0.32 -12.99
CA LEU C 226 -13.83 0.91 -14.29
C LEU C 226 -14.68 0.20 -15.33
N ASP C 227 -15.62 0.93 -15.95
CA ASP C 227 -16.48 0.39 -16.99
C ASP C 227 -15.64 0.00 -18.22
N PRO C 228 -16.06 -0.99 -19.06
CA PRO C 228 -15.24 -1.30 -20.25
C PRO C 228 -15.41 -0.28 -21.37
N VAL D 2 -8.88 -24.87 24.17
CA VAL D 2 -7.97 -25.78 23.49
C VAL D 2 -8.12 -25.72 21.98
N ASP D 3 -9.19 -25.07 21.46
CA ASP D 3 -9.47 -24.95 20.02
C ASP D 3 -8.39 -24.08 19.38
N ILE D 4 -7.73 -24.60 18.35
CA ILE D 4 -6.62 -23.90 17.68
C ILE D 4 -7.09 -22.67 16.92
N ASN D 5 -8.37 -22.65 16.56
CA ASN D 5 -8.90 -21.54 15.80
C ASN D 5 -9.57 -20.50 16.67
N ASN D 6 -9.20 -20.47 17.95
CA ASN D 6 -9.68 -19.48 18.94
C ASN D 6 -11.22 -19.53 19.13
N ASN D 7 -11.83 -20.73 19.09
CA ASN D 7 -13.27 -20.91 19.28
C ASN D 7 -13.56 -21.64 20.60
N ARG E 29 38.82 -12.06 -20.01
CA ARG E 29 37.43 -12.45 -20.13
C ARG E 29 37.26 -13.84 -20.76
N PRO E 30 36.16 -14.60 -20.48
CA PRO E 30 35.98 -15.90 -21.15
C PRO E 30 35.69 -15.72 -22.64
N ALA E 31 36.18 -16.66 -23.48
CA ALA E 31 36.02 -16.66 -24.94
C ALA E 31 34.55 -16.62 -25.39
N ARG E 32 33.66 -17.33 -24.64
CA ARG E 32 32.22 -17.46 -24.87
C ARG E 32 31.47 -16.12 -24.95
N LEU E 33 31.93 -15.14 -24.16
CA LEU E 33 31.33 -13.83 -24.13
C LEU E 33 31.48 -13.11 -25.46
N ASP E 34 32.68 -13.16 -26.08
CA ASP E 34 32.86 -12.47 -27.39
C ASP E 34 32.04 -13.11 -28.48
N GLN E 35 31.98 -14.45 -28.51
CA GLN E 35 31.16 -15.20 -29.48
C GLN E 35 29.70 -14.75 -29.40
N LEU E 36 29.14 -14.59 -28.19
CA LEU E 36 27.77 -14.13 -28.04
C LEU E 36 27.60 -12.69 -28.57
N LEU E 37 28.48 -11.80 -28.14
CA LEU E 37 28.40 -10.39 -28.53
C LEU E 37 28.70 -10.11 -29.99
N ASP E 38 29.59 -10.88 -30.60
CA ASP E 38 29.98 -10.59 -31.98
C ASP E 38 29.03 -11.10 -33.08
N MET E 39 28.05 -11.92 -32.74
CA MET E 39 27.08 -12.33 -33.76
C MET E 39 25.97 -11.23 -33.87
N PRO E 40 25.16 -11.15 -34.95
CA PRO E 40 24.13 -10.08 -35.00
C PRO E 40 23.16 -10.21 -33.83
N ALA E 41 22.81 -9.06 -33.20
CA ALA E 41 21.91 -9.00 -32.04
C ALA E 41 20.51 -9.51 -32.40
N ALA E 42 19.76 -10.03 -31.40
CA ALA E 42 18.41 -10.58 -31.56
C ALA E 42 17.43 -9.56 -32.12
N GLY E 43 16.51 -10.04 -32.95
CA GLY E 43 15.46 -9.25 -33.56
C GLY E 43 14.43 -8.75 -32.57
N LEU E 44 13.56 -7.85 -33.00
CA LEU E 44 12.52 -7.26 -32.15
C LEU E 44 11.64 -8.30 -31.48
N ALA E 45 11.24 -9.36 -32.21
CA ALA E 45 10.42 -10.45 -31.71
C ALA E 45 11.05 -11.07 -30.45
N VAL E 46 12.35 -11.41 -30.51
CA VAL E 46 13.12 -12.00 -29.39
C VAL E 46 13.24 -11.02 -28.21
N GLN E 47 13.62 -9.74 -28.50
CA GLN E 47 13.70 -8.69 -27.48
C GLN E 47 12.37 -8.58 -26.74
N LEU E 48 11.28 -8.55 -27.50
CA LEU E 48 9.92 -8.45 -26.94
C LEU E 48 9.55 -9.63 -26.05
N ARG E 49 9.99 -10.86 -26.37
CA ARG E 49 9.71 -12.04 -25.53
C ARG E 49 10.55 -12.02 -24.27
N HIS E 50 11.66 -11.27 -24.31
CA HIS E 50 12.59 -11.15 -23.19
C HIS E 50 12.47 -9.84 -22.46
N ALA E 51 11.49 -9.03 -22.86
CA ALA E 51 11.23 -7.71 -22.31
C ALA E 51 10.67 -7.73 -20.92
N TRP E 52 10.49 -6.54 -20.31
CA TRP E 52 9.89 -6.47 -18.96
C TRP E 52 8.53 -7.11 -18.94
N ASN E 53 8.18 -7.73 -17.81
CA ASN E 53 6.89 -8.38 -17.65
C ASN E 53 5.84 -7.44 -17.03
N PRO E 54 4.80 -7.02 -17.81
CA PRO E 54 3.75 -6.16 -17.23
C PRO E 54 2.91 -6.82 -16.14
N GLU E 55 2.93 -8.17 -16.05
CA GLU E 55 2.18 -8.97 -15.08
C GLU E 55 3.08 -9.38 -13.90
N ASP E 56 4.37 -8.98 -13.95
CA ASP E 56 5.29 -9.33 -12.87
C ASP E 56 6.05 -8.08 -12.49
N ARG E 57 5.41 -7.23 -11.68
CA ARG E 57 5.95 -5.91 -11.33
C ARG E 57 5.36 -5.32 -10.05
N SER E 58 5.95 -4.22 -9.61
CA SER E 58 5.47 -3.32 -8.59
C SER E 58 4.39 -2.50 -9.35
N LEU E 59 3.29 -2.13 -8.70
CA LEU E 59 2.29 -1.34 -9.40
C LEU E 59 2.74 0.09 -9.73
N ASN E 60 3.83 0.53 -9.14
CA ASN E 60 4.34 1.89 -9.33
C ASN E 60 5.17 2.04 -10.60
N VAL E 61 5.36 0.96 -11.33
CA VAL E 61 6.04 0.96 -12.63
C VAL E 61 5.07 0.41 -13.67
N PHE E 62 5.22 0.84 -14.93
CA PHE E 62 4.35 0.30 -15.97
C PHE E 62 5.14 0.24 -17.25
N VAL E 63 4.87 -0.75 -18.09
CA VAL E 63 5.51 -0.90 -19.40
C VAL E 63 4.83 0.07 -20.34
N LYS E 64 5.61 0.88 -21.05
CA LYS E 64 5.09 1.88 -22.00
C LYS E 64 4.38 1.20 -23.17
N ASP E 65 3.16 1.68 -23.52
CA ASP E 65 2.37 1.10 -24.62
C ASP E 65 3.10 1.24 -25.94
N ASP E 66 3.67 2.42 -26.16
CA ASP E 66 4.45 2.81 -27.32
C ASP E 66 5.84 2.14 -27.40
N ASP E 67 6.42 1.76 -26.24
CA ASP E 67 7.72 1.10 -26.22
C ASP E 67 7.71 0.03 -25.16
N ARG E 68 7.43 -1.21 -25.60
CA ARG E 68 7.32 -2.39 -24.75
C ARG E 68 8.65 -2.84 -24.08
N LEU E 69 9.77 -2.31 -24.53
CA LEU E 69 11.08 -2.59 -23.96
C LEU E 69 11.37 -1.67 -22.75
N THR E 70 10.46 -0.71 -22.46
CA THR E 70 10.74 0.26 -21.41
C THR E 70 9.62 0.38 -20.40
N PHE E 71 9.99 0.52 -19.12
CA PHE E 71 9.03 0.81 -18.07
C PHE E 71 9.26 2.25 -17.60
N HIS E 72 8.18 2.85 -17.09
CA HIS E 72 8.12 4.19 -16.53
C HIS E 72 7.70 4.06 -15.07
N ARG E 73 8.45 4.68 -14.16
CA ARG E 73 8.06 4.66 -12.74
C ARG E 73 7.22 5.92 -12.42
N HIS E 74 6.09 5.77 -11.69
CA HIS E 74 5.29 6.90 -11.25
C HIS E 74 6.05 7.64 -10.13
N PRO E 75 5.83 8.96 -9.93
CA PRO E 75 6.61 9.69 -8.89
C PRO E 75 6.09 9.49 -7.45
N VAL E 76 6.08 8.23 -6.99
CA VAL E 76 5.62 7.84 -5.64
C VAL E 76 6.74 8.00 -4.60
N ALA E 77 6.51 8.84 -3.58
CA ALA E 77 7.46 9.12 -2.50
C ALA E 77 7.64 7.89 -1.60
N GLN E 78 8.86 7.70 -1.07
CA GLN E 78 9.23 6.64 -0.13
C GLN E 78 8.79 5.28 -0.63
N SER E 79 9.21 4.97 -1.87
CA SER E 79 8.89 3.72 -2.56
C SER E 79 10.04 3.28 -3.45
N THR E 80 10.40 2.01 -3.32
CA THR E 80 11.44 1.36 -4.15
C THR E 80 10.66 0.34 -4.99
N ASP E 81 10.83 0.37 -6.31
CA ASP E 81 10.00 -0.41 -7.22
C ASP E 81 10.75 -1.22 -8.26
N GLY E 82 10.39 -2.49 -8.38
CA GLY E 82 11.05 -3.38 -9.33
C GLY E 82 10.11 -3.98 -10.33
N ILE E 83 10.70 -4.71 -11.31
CA ILE E 83 9.98 -5.46 -12.37
C ILE E 83 10.95 -6.51 -12.91
N ARG E 84 10.46 -7.71 -13.25
CA ARG E 84 11.34 -8.73 -13.81
C ARG E 84 11.04 -8.86 -15.29
N GLY E 85 12.03 -9.35 -16.03
CA GLY E 85 11.87 -9.71 -17.43
C GLY E 85 10.91 -10.89 -17.51
N LYS E 86 10.42 -11.18 -18.73
CA LYS E 86 9.44 -12.28 -18.93
C LYS E 86 10.11 -13.65 -18.89
N VAL E 87 11.44 -13.69 -19.05
CA VAL E 87 12.17 -14.96 -19.12
C VAL E 87 13.10 -15.21 -17.93
N GLY E 88 12.94 -16.38 -17.35
CA GLY E 88 13.78 -16.90 -16.30
C GLY E 88 14.75 -17.87 -16.93
N HIS E 89 16.02 -17.57 -16.84
CA HIS E 89 17.11 -18.35 -17.42
C HIS E 89 17.61 -19.40 -16.45
N ALA E 90 17.73 -20.65 -16.92
CA ALA E 90 18.20 -21.78 -16.13
C ALA E 90 19.50 -22.38 -16.67
N ARG E 91 19.76 -22.22 -17.98
CA ARG E 91 20.95 -22.75 -18.63
C ARG E 91 21.43 -21.78 -19.69
N GLY E 92 22.68 -21.92 -20.12
CA GLY E 92 23.25 -21.09 -21.18
C GLY E 92 23.76 -19.73 -20.76
N LEU E 93 24.27 -19.01 -21.73
CA LEU E 93 24.84 -17.70 -21.55
C LEU E 93 23.90 -16.67 -22.15
N HIS E 94 23.67 -15.57 -21.44
CA HIS E 94 22.71 -14.58 -21.90
C HIS E 94 23.21 -13.20 -21.65
N ALA E 95 22.82 -12.28 -22.53
CA ALA E 95 23.21 -10.90 -22.42
C ALA E 95 22.07 -9.98 -22.79
N TRP E 96 21.92 -8.92 -22.04
CA TRP E 96 20.94 -7.89 -22.32
C TRP E 96 21.50 -6.54 -22.00
N GLN E 97 21.04 -5.53 -22.75
CA GLN E 97 21.47 -4.18 -22.52
C GLN E 97 20.43 -3.42 -21.66
N ILE E 98 20.92 -2.64 -20.71
CA ILE E 98 20.07 -1.79 -19.87
C ILE E 98 20.40 -0.38 -20.28
N ASN E 99 19.36 0.38 -20.66
CA ASN E 99 19.49 1.81 -20.99
C ASN E 99 18.75 2.53 -19.85
N TRP E 100 19.51 3.27 -19.02
CA TRP E 100 18.97 3.91 -17.85
C TRP E 100 19.59 5.28 -17.74
N PRO E 101 18.93 6.34 -18.27
CA PRO E 101 19.56 7.68 -18.28
C PRO E 101 20.12 8.04 -16.90
N ALA E 102 21.38 8.52 -16.83
CA ALA E 102 22.05 8.81 -15.56
C ALA E 102 21.30 9.79 -14.64
N ARG E 103 20.62 10.79 -15.21
CA ARG E 103 19.89 11.76 -14.40
C ARG E 103 18.58 11.25 -13.83
N GLN E 104 18.20 9.99 -14.16
CA GLN E 104 16.96 9.35 -13.74
C GLN E 104 17.24 8.15 -12.77
N ARG E 105 18.41 8.18 -12.15
CA ARG E 105 18.81 7.09 -11.28
C ARG E 105 18.48 7.35 -9.82
N GLY E 106 18.60 8.60 -9.39
CA GLY E 106 18.39 8.94 -8.00
C GLY E 106 19.37 8.24 -7.07
N THR E 107 18.92 7.95 -5.84
CA THR E 107 19.76 7.41 -4.79
C THR E 107 20.08 5.92 -4.86
N HIS E 108 19.25 5.12 -5.52
CA HIS E 108 19.46 3.68 -5.62
C HIS E 108 18.92 3.16 -6.94
N ALA E 109 19.83 2.96 -7.90
CA ALA E 109 19.47 2.40 -9.18
C ALA E 109 20.21 1.08 -9.20
N VAL E 110 19.49 -0.02 -9.10
CA VAL E 110 20.14 -1.32 -9.00
C VAL E 110 19.73 -2.17 -10.15
N VAL E 111 20.72 -2.79 -10.81
CA VAL E 111 20.52 -3.70 -11.93
C VAL E 111 21.08 -5.09 -11.54
N GLY E 112 20.36 -6.15 -11.89
CA GLY E 112 20.81 -7.51 -11.64
C GLY E 112 19.86 -8.57 -12.15
N VAL E 113 19.79 -9.66 -11.37
CA VAL E 113 18.95 -10.83 -11.60
C VAL E 113 18.28 -11.24 -10.29
N ALA E 114 17.12 -11.89 -10.39
CA ALA E 114 16.38 -12.31 -9.23
C ALA E 114 15.69 -13.59 -9.54
N THR E 115 15.36 -14.33 -8.50
CA THR E 115 14.53 -15.52 -8.61
C THR E 115 13.07 -15.01 -8.75
N ALA E 116 12.09 -15.92 -9.00
CA ALA E 116 10.70 -15.44 -9.07
C ALA E 116 10.18 -15.01 -7.67
N ARG E 117 10.95 -15.33 -6.60
CA ARG E 117 10.60 -15.05 -5.19
C ARG E 117 10.99 -13.63 -4.70
N ALA E 118 11.94 -12.96 -5.39
CA ALA E 118 12.38 -11.66 -4.91
C ALA E 118 11.23 -10.65 -4.84
N PRO E 119 11.04 -9.94 -3.69
CA PRO E 119 10.00 -8.90 -3.62
C PRO E 119 10.30 -7.76 -4.62
N LEU E 120 9.26 -7.13 -5.18
CA LEU E 120 9.45 -6.08 -6.17
C LEU E 120 9.01 -4.71 -5.66
N HIS E 121 8.70 -4.64 -4.35
CA HIS E 121 8.39 -3.36 -3.75
C HIS E 121 8.92 -3.28 -2.32
N SER E 122 9.48 -2.11 -1.99
CA SER E 122 10.01 -1.76 -0.66
C SER E 122 9.45 -0.38 -0.28
N VAL E 123 9.15 -0.17 1.02
CA VAL E 123 8.76 1.16 1.51
C VAL E 123 10.12 1.88 1.64
N GLY E 124 10.15 3.20 1.50
CA GLY E 124 11.39 3.95 1.57
C GLY E 124 12.27 3.75 0.34
N TYR E 125 13.51 4.25 0.43
CA TYR E 125 14.45 4.22 -0.67
C TYR E 125 15.59 3.28 -0.37
N THR E 126 15.55 2.11 -0.99
CA THR E 126 16.53 1.06 -0.72
C THR E 126 17.16 0.44 -1.99
N ALA E 127 18.18 -0.40 -1.81
CA ALA E 127 18.74 -1.19 -2.92
C ALA E 127 17.95 -2.46 -2.77
N LEU E 128 16.75 -2.47 -3.35
CA LEU E 128 15.81 -3.58 -3.17
C LEU E 128 16.33 -4.87 -3.81
N VAL E 129 16.90 -4.74 -5.00
CA VAL E 129 17.55 -5.86 -5.68
C VAL E 129 18.87 -6.07 -4.95
N GLY E 130 19.00 -7.26 -4.42
CA GLY E 130 20.14 -7.72 -3.63
C GLY E 130 19.95 -7.52 -2.14
N SER E 131 18.74 -7.11 -1.69
CA SER E 131 18.51 -6.84 -0.28
C SER E 131 18.42 -8.11 0.49
N ASP E 132 17.96 -9.20 -0.15
CA ASP E 132 17.91 -10.50 0.50
C ASP E 132 18.57 -11.60 -0.32
N ALA E 133 18.27 -12.88 -0.01
CA ALA E 133 18.88 -14.02 -0.69
C ALA E 133 18.30 -14.32 -2.09
N GLU E 134 17.24 -13.62 -2.49
CA GLU E 134 16.60 -13.89 -3.77
C GLU E 134 17.06 -13.04 -4.94
N SER E 135 17.94 -12.07 -4.72
CA SER E 135 18.37 -11.29 -5.85
C SER E 135 19.81 -10.83 -5.70
N TRP E 136 20.39 -10.45 -6.81
CA TRP E 136 21.81 -10.06 -6.94
C TRP E 136 21.84 -8.79 -7.76
N GLY E 137 22.43 -7.74 -7.21
CA GLY E 137 22.42 -6.46 -7.94
C GLY E 137 23.66 -5.63 -7.83
N TRP E 138 23.82 -4.76 -8.79
CA TRP E 138 24.86 -3.76 -8.84
C TRP E 138 24.14 -2.41 -8.68
N ASP E 139 24.41 -1.70 -7.57
CA ASP E 139 23.88 -0.38 -7.31
C ASP E 139 24.74 0.54 -8.20
N LEU E 140 24.17 1.05 -9.31
CA LEU E 140 24.93 1.81 -10.33
C LEU E 140 25.64 3.06 -9.79
N GLY E 141 24.99 3.76 -8.86
CA GLY E 141 25.51 5.00 -8.30
C GLY E 141 26.64 4.88 -7.30
N ARG E 142 26.60 3.83 -6.50
CA ARG E 142 27.56 3.55 -5.44
C ARG E 142 28.70 2.67 -5.90
N SER E 143 28.49 1.95 -7.03
CA SER E 143 29.45 0.99 -7.59
C SER E 143 29.73 -0.10 -6.55
N ARG E 144 28.63 -0.65 -6.02
CA ARG E 144 28.61 -1.66 -4.98
C ARG E 144 27.65 -2.77 -5.36
N LEU E 145 28.07 -3.99 -5.08
CA LEU E 145 27.26 -5.17 -5.32
C LEU E 145 26.59 -5.59 -4.05
N TYR E 146 25.30 -5.99 -4.17
CA TYR E 146 24.47 -6.42 -3.04
C TYR E 146 23.83 -7.77 -3.28
N HIS E 147 23.96 -8.62 -2.30
CA HIS E 147 23.29 -9.93 -2.19
C HIS E 147 23.09 -10.12 -0.70
N ASP E 148 21.82 -10.23 -0.26
CA ASP E 148 21.44 -10.26 1.16
C ASP E 148 22.01 -8.97 1.76
N GLY E 149 21.68 -7.85 1.14
CA GLY E 149 22.19 -6.52 1.47
C GLY E 149 21.81 -6.05 2.86
N LYS E 150 20.63 -6.49 3.36
CA LYS E 150 20.15 -6.14 4.71
C LYS E 150 21.13 -6.63 5.75
N ASN E 151 21.72 -7.83 5.55
CA ASN E 151 22.69 -8.37 6.50
C ASN E 151 24.14 -8.32 6.03
N GLN E 152 24.39 -8.17 4.72
CA GLN E 152 25.76 -8.16 4.21
C GLN E 152 26.18 -6.79 3.60
N PRO E 153 27.44 -6.35 3.87
CA PRO E 153 27.92 -5.08 3.28
C PRO E 153 28.16 -5.18 1.78
N GLY E 154 28.07 -4.05 1.08
CA GLY E 154 28.26 -3.96 -0.36
C GLY E 154 29.71 -4.16 -0.75
N VAL E 155 29.95 -5.01 -1.76
CA VAL E 155 31.26 -5.39 -2.32
C VAL E 155 31.59 -4.36 -3.43
N ALA E 156 32.77 -3.71 -3.40
CA ALA E 156 33.11 -2.71 -4.43
C ALA E 156 33.17 -3.37 -5.80
N TYR E 157 32.59 -2.72 -6.82
CA TYR E 157 32.60 -3.26 -8.19
C TYR E 157 32.52 -2.12 -9.22
N PRO E 158 33.40 -2.11 -10.24
CA PRO E 158 34.52 -3.04 -10.49
C PRO E 158 35.53 -3.06 -9.34
N ALA E 159 36.25 -4.16 -9.18
CA ALA E 159 37.18 -4.37 -8.07
C ALA E 159 38.46 -3.57 -8.14
N PHE E 160 38.74 -2.90 -9.29
CA PHE E 160 39.93 -2.07 -9.47
C PHE E 160 39.72 -0.63 -9.01
N GLU E 165 37.28 5.28 -4.49
CA GLU E 165 37.28 5.67 -5.90
C GLU E 165 35.87 5.66 -6.47
N ALA E 166 35.64 6.50 -7.50
CA ALA E 166 34.34 6.62 -8.16
C ALA E 166 34.38 6.01 -9.55
N PHE E 167 33.30 5.31 -9.93
CA PHE E 167 33.19 4.70 -11.25
C PHE E 167 31.97 5.30 -11.95
N ALA E 168 32.18 6.26 -12.84
CA ALA E 168 31.07 6.90 -13.56
C ALA E 168 30.42 5.93 -14.54
N LEU E 169 29.10 5.75 -14.42
CA LEU E 169 28.39 4.85 -15.31
C LEU E 169 27.64 5.59 -16.41
N PRO E 170 27.87 5.23 -17.69
CA PRO E 170 27.15 5.91 -18.78
C PRO E 170 25.71 5.40 -18.82
N ASP E 171 24.89 5.92 -19.71
CA ASP E 171 23.47 5.52 -19.75
C ASP E 171 23.21 4.05 -20.11
N SER E 172 24.12 3.37 -20.78
CA SER E 172 23.85 1.98 -21.11
C SER E 172 24.91 1.04 -20.59
N LEU E 173 24.52 -0.17 -20.33
CA LEU E 173 25.42 -1.20 -19.84
C LEU E 173 24.91 -2.56 -20.28
N LEU E 174 25.80 -3.56 -20.29
CA LEU E 174 25.47 -4.93 -20.70
C LEU E 174 25.50 -5.79 -19.47
N VAL E 175 24.45 -6.58 -19.33
CA VAL E 175 24.31 -7.57 -18.25
C VAL E 175 24.54 -8.94 -18.88
N VAL E 176 25.44 -9.74 -18.27
CA VAL E 176 25.89 -11.03 -18.79
C VAL E 176 25.66 -12.05 -17.71
N LEU E 177 24.73 -12.96 -17.97
CA LEU E 177 24.38 -14.00 -17.02
C LEU E 177 24.80 -15.33 -17.60
N ASP E 178 25.72 -15.99 -16.92
CA ASP E 178 26.19 -17.29 -17.39
C ASP E 178 25.62 -18.29 -16.43
N MET E 179 24.56 -18.98 -16.86
CA MET E 179 23.88 -19.93 -16.02
C MET E 179 24.65 -21.25 -15.90
N ASP E 180 25.52 -21.55 -16.90
CA ASP E 180 26.32 -22.79 -16.86
C ASP E 180 27.47 -22.65 -15.86
N GLU E 181 28.11 -21.48 -15.81
CA GLU E 181 29.15 -21.19 -14.83
C GLU E 181 28.53 -20.65 -13.52
N GLY E 182 27.28 -20.18 -13.61
CA GLY E 182 26.55 -19.60 -12.49
C GLY E 182 27.09 -18.25 -12.09
N THR E 183 27.34 -17.36 -13.05
CA THR E 183 27.90 -16.06 -12.75
C THR E 183 27.13 -14.91 -13.36
N LEU E 184 27.32 -13.72 -12.79
CA LEU E 184 26.78 -12.47 -13.30
C LEU E 184 27.95 -11.55 -13.49
N SER E 185 28.02 -10.90 -14.66
CA SER E 185 29.10 -10.00 -15.02
C SER E 185 28.51 -8.81 -15.74
N PHE E 186 29.31 -7.74 -15.89
CA PHE E 186 28.86 -6.56 -16.61
C PHE E 186 29.90 -6.07 -17.63
N ILE E 187 29.42 -5.45 -18.70
CA ILE E 187 30.25 -4.80 -19.75
C ILE E 187 29.78 -3.35 -19.84
N VAL E 188 30.70 -2.40 -19.69
CA VAL E 188 30.41 -0.96 -19.72
C VAL E 188 31.44 -0.35 -20.63
N ASP E 189 31.00 0.41 -21.66
CA ASP E 189 31.94 1.04 -22.60
C ASP E 189 32.87 0.00 -23.28
N GLY E 190 32.32 -1.19 -23.57
CA GLY E 190 33.06 -2.29 -24.20
C GLY E 190 34.01 -3.03 -23.28
N GLN E 191 34.10 -2.58 -22.01
CA GLN E 191 34.98 -3.15 -21.02
C GLN E 191 34.30 -4.23 -20.22
N TYR E 192 34.91 -5.43 -20.19
CA TYR E 192 34.43 -6.54 -19.37
C TYR E 192 34.93 -6.28 -17.94
N LEU E 193 34.01 -6.08 -17.00
CA LEU E 193 34.34 -5.70 -15.63
C LEU E 193 34.59 -6.86 -14.69
N GLY E 194 34.59 -8.06 -15.24
CA GLY E 194 34.84 -9.27 -14.49
C GLY E 194 33.61 -9.82 -13.84
N VAL E 195 33.75 -10.96 -13.15
CA VAL E 195 32.62 -11.62 -12.46
C VAL E 195 32.20 -10.79 -11.23
N ALA E 196 30.91 -10.45 -11.17
CA ALA E 196 30.31 -9.71 -10.07
C ALA E 196 29.83 -10.69 -9.01
N PHE E 197 29.12 -11.75 -9.43
CA PHE E 197 28.61 -12.78 -8.54
C PHE E 197 28.81 -14.17 -9.12
N ARG E 198 29.02 -15.13 -8.23
CA ARG E 198 29.08 -16.56 -8.52
C ARG E 198 28.07 -17.27 -7.62
N GLY E 199 27.94 -18.58 -7.79
CA GLY E 199 27.03 -19.42 -7.01
C GLY E 199 25.59 -19.38 -7.48
N LEU E 200 25.38 -19.10 -8.77
CA LEU E 200 24.05 -18.98 -9.38
C LEU E 200 23.56 -20.25 -10.06
N LYS E 201 24.44 -21.25 -10.21
CA LYS E 201 24.08 -22.52 -10.84
C LYS E 201 22.84 -23.15 -10.21
N GLY E 202 22.00 -23.71 -11.07
CA GLY E 202 20.77 -24.42 -10.72
C GLY E 202 19.62 -23.54 -10.30
N LYS E 203 19.68 -22.24 -10.57
CA LYS E 203 18.58 -21.35 -10.19
C LYS E 203 17.84 -20.93 -11.47
N LYS E 204 16.66 -20.30 -11.36
CA LYS E 204 15.93 -19.81 -12.53
C LYS E 204 15.95 -18.29 -12.37
N LEU E 205 16.87 -17.64 -13.09
CA LEU E 205 17.11 -16.22 -12.88
C LEU E 205 16.56 -15.35 -13.97
N TYR E 206 15.81 -14.31 -13.55
CA TYR E 206 15.18 -13.35 -14.45
C TYR E 206 15.90 -12.04 -14.38
N PRO E 207 15.97 -11.28 -15.50
CA PRO E 207 16.46 -9.92 -15.39
C PRO E 207 15.60 -9.11 -14.42
N VAL E 208 16.23 -8.26 -13.61
CA VAL E 208 15.53 -7.40 -12.66
C VAL E 208 16.30 -6.08 -12.46
N VAL E 209 15.59 -5.03 -12.05
CA VAL E 209 16.11 -3.71 -11.65
C VAL E 209 15.18 -3.21 -10.51
N SER E 210 15.66 -2.32 -9.65
CA SER E 210 14.82 -1.63 -8.66
C SER E 210 15.16 -0.16 -8.80
N ALA E 211 14.10 0.65 -8.92
CA ALA E 211 14.19 2.08 -9.13
C ALA E 211 13.50 2.88 -8.02
N VAL E 212 13.96 4.15 -7.83
CA VAL E 212 13.45 5.04 -6.78
C VAL E 212 13.13 6.42 -7.38
N TRP E 213 13.52 6.68 -8.64
CA TRP E 213 13.36 7.99 -9.30
C TRP E 213 12.01 8.20 -9.99
N GLY E 214 11.30 9.22 -9.58
CA GLY E 214 10.03 9.60 -10.21
C GLY E 214 10.19 9.92 -11.68
N HIS E 215 9.36 9.29 -12.53
CA HIS E 215 9.36 9.39 -13.99
C HIS E 215 10.58 8.74 -14.67
N CYS E 216 11.36 7.90 -13.96
CA CYS E 216 12.51 7.27 -14.62
C CYS E 216 12.00 6.28 -15.64
N GLU E 217 12.72 6.16 -16.74
CA GLU E 217 12.38 5.19 -17.80
C GLU E 217 13.59 4.31 -18.00
N VAL E 218 13.43 3.00 -17.80
CA VAL E 218 14.51 2.02 -17.91
C VAL E 218 14.21 1.06 -19.06
N THR E 219 15.12 1.00 -20.05
CA THR E 219 14.93 0.12 -21.20
C THR E 219 15.78 -1.15 -21.12
N MET E 220 15.18 -2.31 -21.47
CA MET E 220 15.91 -3.57 -21.54
C MET E 220 15.75 -4.21 -22.93
N ARG E 221 16.86 -4.34 -23.64
CA ARG E 221 16.95 -5.00 -24.93
C ARG E 221 17.83 -6.23 -24.79
N TYR E 222 17.23 -7.39 -24.95
CA TYR E 222 17.93 -8.65 -24.88
C TYR E 222 18.81 -8.74 -26.11
N ILE E 223 20.10 -9.04 -25.90
CA ILE E 223 21.06 -9.11 -27.00
C ILE E 223 21.04 -10.47 -27.67
N ASN E 224 21.37 -11.53 -26.92
CA ASN E 224 21.38 -12.90 -27.46
C ASN E 224 21.60 -13.89 -26.34
N GLY E 225 21.47 -15.15 -26.68
CA GLY E 225 21.70 -16.28 -25.79
C GLY E 225 22.55 -17.32 -26.49
N LEU E 226 23.45 -17.94 -25.74
CA LEU E 226 24.29 -18.99 -26.26
C LEU E 226 24.04 -20.27 -25.49
N ASP E 227 23.89 -21.39 -26.22
CA ASP E 227 23.67 -22.68 -25.57
C ASP E 227 24.97 -23.20 -24.94
N PRO E 228 24.88 -24.09 -23.92
CA PRO E 228 26.10 -24.63 -23.30
C PRO E 228 26.91 -25.45 -24.31
N VAL F 2 9.01 18.30 -5.21
CA VAL F 2 9.61 16.97 -5.29
C VAL F 2 10.67 16.73 -4.22
N ASP F 3 10.87 15.46 -3.81
CA ASP F 3 11.86 15.10 -2.81
C ASP F 3 13.21 14.75 -3.47
N ILE F 4 14.13 14.13 -2.71
CA ILE F 4 15.45 13.73 -3.18
C ILE F 4 15.40 12.90 -4.47
N ASN F 5 14.38 12.02 -4.60
CA ASN F 5 14.27 11.13 -5.73
C ASN F 5 13.23 11.52 -6.71
N ASN F 6 12.94 12.82 -6.80
CA ASN F 6 11.97 13.35 -7.78
C ASN F 6 10.57 12.87 -7.57
N ASN F 7 10.19 12.64 -6.30
CA ASN F 7 8.84 12.14 -6.03
C ASN F 7 8.01 13.14 -5.24
#